data_2DOI
#
_entry.id   2DOI
#
_cell.length_a   58.467
_cell.length_b   58.467
_cell.length_c   389.146
_cell.angle_alpha   90.000
_cell.angle_beta   90.000
_cell.angle_gamma   120.000
#
_symmetry.space_group_name_H-M   'P 61'
#
loop_
_entity.id
_entity.type
_entity.pdbx_description
1 polymer Angiostatin
2 polymer 'Plasminogen-binding group A streptococcal M-like protein PAM'
#
loop_
_entity_poly.entity_id
_entity_poly.type
_entity_poly.pdbx_seq_one_letter_code
_entity_poly.pdbx_strand_id
1 'polypeptide(L)'
;LSECKTGNGKNYRGTMSKTKNGITCQKWSSTSPHRPRFSPATHPSEGLEENYCRNPDNDPQGPWCYTTDPEKRYDYCDIL
ECEEECMHCSGENYDGKISKTMSGLECQAWDSQSPHAHGYIPSKFPNKNLKKNYCRNPDRELRPWCFTTDPNKRWELCDI
PRCTTPPPSSGPTYQCLKGTGENYRGNVAVTVSGHTCQHWSAQTPHTHERTPENFPCKNLDENYCRNPDGKRAP
;
X,A
2 'polypeptide(L)' VEKLTADAELQRLKNERHEEAELERLKSEY C,B
#
# COMPACT_ATOMS: atom_id res chain seq x y z
N LEU A 1 -12.15 19.51 -13.75
CA LEU A 1 -13.43 19.04 -13.06
C LEU A 1 -13.63 17.51 -13.06
N SER A 2 -14.00 16.93 -11.90
CA SER A 2 -13.69 15.50 -11.59
C SER A 2 -14.42 14.37 -12.31
N GLU A 3 -13.62 13.52 -12.97
CA GLU A 3 -14.12 12.49 -13.87
C GLU A 3 -14.25 11.00 -13.39
N CYS A 4 -14.19 10.80 -12.04
CA CYS A 4 -14.21 9.51 -11.30
C CYS A 4 -15.05 9.58 -9.99
N LYS A 5 -15.43 8.43 -9.45
CA LYS A 5 -16.40 8.48 -8.35
C LYS A 5 -15.69 8.29 -7.09
N THR A 6 -16.18 8.92 -6.03
CA THR A 6 -15.74 8.53 -4.66
C THR A 6 -16.98 8.15 -3.86
N GLY A 7 -16.87 7.19 -2.94
CA GLY A 7 -18.05 6.80 -2.15
C GLY A 7 -19.27 6.63 -3.05
N ASN A 8 -20.47 6.69 -2.48
CA ASN A 8 -21.70 6.43 -3.29
C ASN A 8 -21.97 7.29 -4.55
N GLY A 9 -21.12 8.31 -4.81
CA GLY A 9 -21.28 9.29 -5.93
C GLY A 9 -22.09 10.66 -5.87
N LYS A 10 -22.76 11.00 -4.75
CA LYS A 10 -23.28 12.39 -4.53
C LYS A 10 -22.57 13.45 -5.39
N ASN A 11 -21.28 13.66 -5.12
CA ASN A 11 -20.56 14.69 -5.84
C ASN A 11 -20.03 14.26 -7.19
N TYR A 12 -20.29 13.05 -7.66
CA TYR A 12 -19.86 12.75 -9.04
C TYR A 12 -20.33 13.79 -10.01
N ARG A 13 -19.46 14.09 -10.98
CA ARG A 13 -19.85 15.05 -11.98
C ARG A 13 -19.10 14.90 -13.26
N GLY A 14 -18.56 13.70 -13.49
CA GLY A 14 -18.02 13.36 -14.81
C GLY A 14 -19.05 13.48 -15.94
N THR A 15 -18.80 12.83 -17.07
CA THR A 15 -19.77 12.91 -18.17
C THR A 15 -20.10 11.55 -18.82
N MET A 16 -20.27 10.54 -17.98
CA MET A 16 -20.64 9.24 -18.46
C MET A 16 -22.11 9.31 -18.82
N SER A 17 -22.41 9.13 -20.11
CA SER A 17 -23.81 9.08 -20.54
C SER A 17 -24.40 7.65 -20.79
N LYS A 18 -23.87 6.61 -20.14
CA LYS A 18 -24.48 5.26 -20.25
C LYS A 18 -24.30 4.27 -19.11
N THR A 19 -25.42 3.65 -18.80
CA THR A 19 -25.54 2.63 -17.77
C THR A 19 -24.42 1.64 -17.89
N LYS A 20 -24.25 0.80 -16.88
CA LYS A 20 -23.16 -0.19 -16.87
C LYS A 20 -23.08 -1.13 -18.07
N ASN A 21 -24.01 -1.00 -19.03
CA ASN A 21 -24.39 -2.07 -20.04
C ASN A 21 -24.51 -1.66 -21.50
N GLY A 22 -24.04 -0.44 -21.80
CA GLY A 22 -24.16 0.15 -23.14
C GLY A 22 -25.21 1.25 -23.18
N ILE A 23 -26.44 0.90 -22.81
CA ILE A 23 -27.55 1.80 -23.03
C ILE A 23 -27.20 3.22 -22.64
N THR A 24 -27.30 4.07 -23.64
CA THR A 24 -27.23 5.50 -23.47
C THR A 24 -28.37 5.97 -22.55
N CYS A 25 -28.08 6.95 -21.74
CA CYS A 25 -29.07 7.39 -20.79
C CYS A 25 -30.04 8.38 -21.37
N GLN A 26 -31.20 8.46 -20.70
CA GLN A 26 -32.16 9.54 -20.86
C GLN A 26 -31.70 10.84 -20.18
N LYS A 27 -31.82 11.97 -20.88
CA LYS A 27 -31.61 13.29 -20.28
C LYS A 27 -32.55 13.34 -19.11
N TRP A 28 -32.16 14.07 -18.07
CA TRP A 28 -32.85 13.98 -16.82
C TRP A 28 -34.08 14.79 -16.89
N SER A 29 -34.15 15.60 -17.90
CA SER A 29 -35.23 16.52 -18.00
C SER A 29 -36.20 16.09 -19.09
N SER A 30 -36.41 14.77 -19.23
CA SER A 30 -37.30 14.16 -20.28
C SER A 30 -38.34 13.20 -19.73
N THR A 31 -39.28 12.77 -20.56
CA THR A 31 -40.47 12.07 -20.06
C THR A 31 -40.77 10.74 -20.72
N SER A 32 -40.18 10.53 -21.91
CA SER A 32 -40.25 9.30 -22.67
C SER A 32 -38.80 8.92 -22.76
N PRO A 33 -38.48 7.65 -22.57
CA PRO A 33 -39.41 6.56 -22.42
C PRO A 33 -40.11 6.54 -21.10
N HIS A 34 -39.45 7.00 -20.03
CA HIS A 34 -40.05 6.92 -18.71
C HIS A 34 -40.29 8.29 -18.19
N ARG A 35 -40.95 8.31 -17.03
CA ARG A 35 -41.15 9.55 -16.29
C ARG A 35 -40.43 9.40 -14.96
N PRO A 36 -39.43 10.25 -14.71
CA PRO A 36 -38.46 10.14 -13.59
C PRO A 36 -38.91 10.75 -12.28
N ARG A 37 -38.27 10.35 -11.18
CA ARG A 37 -38.56 10.98 -9.90
C ARG A 37 -37.59 12.12 -9.50
N PHE A 38 -36.52 12.35 -10.27
CA PHE A 38 -35.71 13.55 -9.96
C PHE A 38 -35.47 14.51 -11.13
N SER A 39 -36.37 15.47 -11.32
CA SER A 39 -36.26 16.39 -12.47
C SER A 39 -35.36 17.53 -12.08
N PRO A 40 -34.55 18.01 -13.04
CA PRO A 40 -33.79 19.20 -12.66
C PRO A 40 -34.78 20.21 -12.08
N ALA A 41 -36.05 20.09 -12.44
CA ALA A 41 -37.06 20.84 -11.71
C ALA A 41 -36.86 20.50 -10.23
N THR A 42 -37.47 19.41 -9.78
CA THR A 42 -37.49 19.03 -8.37
C THR A 42 -36.16 19.05 -7.58
N HIS A 43 -35.08 18.46 -8.08
CA HIS A 43 -33.83 18.39 -7.28
C HIS A 43 -32.65 19.12 -7.92
N PRO A 44 -32.93 20.38 -8.21
CA PRO A 44 -32.24 21.39 -8.96
C PRO A 44 -30.75 21.31 -8.86
N SER A 45 -30.22 21.55 -7.68
CA SER A 45 -28.81 21.76 -7.65
C SER A 45 -28.12 20.42 -7.64
N GLU A 46 -28.88 19.31 -7.77
CA GLU A 46 -28.27 17.92 -7.71
C GLU A 46 -27.61 17.44 -9.01
N GLY A 47 -26.70 18.23 -9.55
CA GLY A 47 -26.16 17.97 -10.87
C GLY A 47 -27.08 17.30 -11.89
N LEU A 48 -28.41 17.40 -11.75
CA LEU A 48 -29.33 16.79 -12.76
C LEU A 48 -29.29 17.46 -14.13
N GLU A 49 -28.21 17.24 -14.90
CA GLU A 49 -28.04 17.88 -16.21
C GLU A 49 -27.72 16.88 -17.33
N GLU A 50 -28.04 17.25 -18.57
CA GLU A 50 -27.73 16.41 -19.71
C GLU A 50 -28.36 15.07 -19.54
N ASN A 51 -27.71 14.05 -20.08
CA ASN A 51 -28.11 12.68 -19.80
C ASN A 51 -27.06 11.97 -18.94
N TYR A 52 -26.11 12.74 -18.45
CA TYR A 52 -24.97 12.17 -17.75
C TYR A 52 -25.34 11.35 -16.49
N CYS A 53 -24.40 10.57 -15.95
CA CYS A 53 -24.73 9.75 -14.74
C CYS A 53 -24.77 10.50 -13.41
N ARG A 54 -25.64 10.09 -12.50
CA ARG A 54 -25.75 10.86 -11.26
C ARG A 54 -26.33 10.01 -10.18
N ASN A 55 -26.05 10.37 -8.92
CA ASN A 55 -26.74 9.75 -7.79
C ASN A 55 -27.41 10.77 -6.93
N PRO A 56 -28.67 11.03 -7.25
CA PRO A 56 -29.57 11.99 -6.66
C PRO A 56 -30.10 11.46 -5.34
N ASP A 57 -30.54 10.21 -5.39
CA ASP A 57 -31.27 9.60 -4.29
C ASP A 57 -30.32 9.04 -3.24
N ASN A 58 -29.02 9.12 -3.50
CA ASN A 58 -28.10 8.83 -2.42
C ASN A 58 -28.11 7.33 -2.38
N ASP A 59 -28.08 6.75 -3.58
CA ASP A 59 -28.13 5.31 -3.77
C ASP A 59 -26.85 4.65 -3.22
N PRO A 60 -26.95 3.43 -2.73
CA PRO A 60 -25.81 2.73 -2.14
C PRO A 60 -24.88 2.34 -3.24
N GLN A 61 -25.47 2.03 -4.36
CA GLN A 61 -24.71 1.45 -5.44
C GLN A 61 -24.24 2.56 -6.34
N GLY A 62 -24.56 3.78 -5.97
CA GLY A 62 -23.97 4.89 -6.69
C GLY A 62 -24.59 5.25 -7.99
N PRO A 63 -23.91 6.14 -8.67
CA PRO A 63 -24.29 6.83 -9.90
C PRO A 63 -25.12 5.98 -10.88
N TRP A 64 -26.02 6.65 -11.58
CA TRP A 64 -27.03 5.91 -12.30
C TRP A 64 -27.92 6.80 -13.11
N CYS A 65 -28.41 6.26 -14.20
CA CYS A 65 -29.25 7.04 -15.05
C CYS A 65 -30.48 6.22 -15.38
N TYR A 66 -31.37 6.83 -16.13
CA TYR A 66 -32.51 6.18 -16.66
C TYR A 66 -32.02 5.89 -18.04
N THR A 67 -32.51 4.79 -18.58
CA THR A 67 -32.03 4.30 -19.83
C THR A 67 -33.04 4.66 -20.86
N THR A 68 -32.55 4.88 -22.06
CA THR A 68 -33.42 5.19 -23.17
C THR A 68 -34.11 3.92 -23.59
N ASP A 69 -33.90 2.84 -22.86
CA ASP A 69 -34.62 1.64 -23.20
C ASP A 69 -35.86 1.59 -22.39
N PRO A 70 -36.96 1.75 -23.08
CA PRO A 70 -38.29 1.68 -22.48
C PRO A 70 -38.45 0.47 -21.55
N GLU A 71 -37.65 -0.58 -21.77
CA GLU A 71 -37.82 -1.94 -21.15
C GLU A 71 -37.16 -2.14 -19.80
N LYS A 72 -36.09 -1.40 -19.58
CA LYS A 72 -35.47 -1.41 -18.30
C LYS A 72 -35.55 0.05 -18.05
N ARG A 73 -36.12 0.40 -16.91
CA ARG A 73 -36.39 1.79 -16.54
C ARG A 73 -35.07 2.46 -16.32
N TYR A 74 -34.58 2.38 -15.11
CA TYR A 74 -33.30 2.95 -14.82
C TYR A 74 -32.30 1.83 -14.55
N ASP A 75 -31.03 2.18 -14.64
CA ASP A 75 -29.96 1.27 -14.29
C ASP A 75 -28.75 2.09 -13.82
N TYR A 76 -27.75 1.38 -13.28
CA TYR A 76 -26.50 1.99 -12.77
C TYR A 76 -25.46 2.20 -13.84
N CYS A 77 -24.43 2.96 -13.53
CA CYS A 77 -23.40 3.09 -14.54
C CYS A 77 -21.97 2.82 -14.04
N ASP A 78 -21.09 2.44 -14.94
CA ASP A 78 -19.70 2.27 -14.61
C ASP A 78 -18.98 3.60 -14.50
N ILE A 79 -17.98 3.64 -13.64
CA ILE A 79 -17.35 4.88 -13.23
C ILE A 79 -16.18 4.70 -12.23
N LEU A 80 -14.96 4.63 -12.78
CA LEU A 80 -13.79 4.35 -11.99
C LEU A 80 -13.88 5.04 -10.62
N GLU A 81 -13.71 4.24 -9.57
CA GLU A 81 -13.52 4.81 -8.24
C GLU A 81 -12.26 5.74 -8.31
N CYS A 82 -11.99 6.60 -7.33
CA CYS A 82 -10.80 7.47 -7.54
C CYS A 82 -9.57 6.75 -7.05
N GLU A 83 -8.61 7.39 -6.35
CA GLU A 83 -7.40 6.66 -5.83
C GLU A 83 -7.14 5.64 -6.94
N GLU A 84 -6.35 4.59 -6.73
CA GLU A 84 -5.87 3.94 -7.97
C GLU A 84 -4.99 2.69 -8.08
N GLU A 85 -4.58 2.00 -7.03
CA GLU A 85 -4.23 0.65 -7.40
C GLU A 85 -2.96 0.45 -8.28
N CYS A 86 -3.18 0.75 -9.58
CA CYS A 86 -2.41 0.27 -10.75
C CYS A 86 -2.82 1.16 -11.88
N MET A 87 -1.92 1.41 -12.81
CA MET A 87 -2.31 2.29 -13.89
C MET A 87 -2.98 1.46 -14.94
N HIS A 88 -3.98 2.08 -15.54
CA HIS A 88 -4.65 1.52 -16.70
C HIS A 88 -3.92 1.98 -17.92
N CYS A 89 -3.19 1.06 -18.54
CA CYS A 89 -2.82 1.24 -19.92
C CYS A 89 -1.46 1.83 -19.98
N SER A 90 -1.40 3.17 -20.03
CA SER A 90 -0.23 3.97 -19.63
C SER A 90 -0.78 5.08 -18.75
N GLY A 91 -2.05 4.95 -18.44
CA GLY A 91 -2.62 5.64 -17.31
C GLY A 91 -2.41 7.10 -17.53
N GLU A 92 -3.01 7.58 -18.61
CA GLU A 92 -3.17 9.02 -18.82
C GLU A 92 -4.03 9.53 -17.69
N ASN A 93 -4.54 8.59 -16.89
CA ASN A 93 -5.57 8.84 -15.91
C ASN A 93 -4.98 8.88 -14.49
N TYR A 94 -4.09 7.93 -14.16
CA TYR A 94 -3.60 7.66 -12.78
C TYR A 94 -3.83 8.71 -11.67
N ASP A 95 -4.65 8.37 -10.67
CA ASP A 95 -4.99 9.37 -9.65
C ASP A 95 -4.52 8.87 -8.31
N GLY A 96 -3.67 7.85 -8.36
CA GLY A 96 -3.16 7.12 -7.16
C GLY A 96 -2.10 7.83 -6.26
N LYS A 97 -1.63 7.11 -5.21
CA LYS A 97 -0.87 7.74 -4.13
C LYS A 97 0.69 7.33 -4.12
N ILE A 98 1.31 7.20 -5.28
CA ILE A 98 2.71 6.71 -5.26
C ILE A 98 3.69 7.78 -5.64
N SER A 99 4.76 7.87 -4.84
CA SER A 99 5.58 9.08 -4.76
C SER A 99 7.09 8.76 -4.82
N LYS A 100 7.42 7.55 -5.26
CA LYS A 100 8.81 7.11 -5.33
C LYS A 100 9.16 6.51 -6.73
N THR A 101 10.20 7.03 -7.42
CA THR A 101 10.48 6.64 -8.83
C THR A 101 11.04 5.25 -8.92
N MET A 102 10.84 4.60 -10.05
CA MET A 102 11.62 3.41 -10.50
C MET A 102 12.97 3.20 -9.80
N SER A 103 13.96 4.04 -10.12
CA SER A 103 15.20 4.16 -9.34
C SER A 103 14.86 4.01 -7.85
N GLY A 104 13.63 4.44 -7.47
CA GLY A 104 13.15 4.49 -6.07
C GLY A 104 13.43 5.80 -5.33
N LEU A 105 13.33 6.91 -6.01
CA LEU A 105 13.63 8.14 -5.37
C LEU A 105 12.30 8.83 -5.04
N GLU A 106 12.13 9.32 -3.81
CA GLU A 106 10.89 10.05 -3.50
C GLU A 106 10.69 11.28 -4.38
N CYS A 107 9.47 11.44 -4.93
CA CYS A 107 9.15 12.57 -5.82
C CYS A 107 9.14 13.98 -5.24
N GLN A 108 9.46 14.93 -6.10
CA GLN A 108 9.38 16.31 -5.69
C GLN A 108 7.97 16.73 -5.91
N ALA A 109 7.40 17.36 -4.88
CA ALA A 109 6.04 17.97 -4.95
C ALA A 109 5.79 18.97 -6.09
N TRP A 110 4.65 18.77 -6.78
CA TRP A 110 4.36 19.54 -8.01
C TRP A 110 4.30 21.04 -7.66
N ASP A 111 3.58 21.29 -6.58
CA ASP A 111 3.55 22.57 -5.94
C ASP A 111 4.93 23.14 -5.74
N SER A 112 5.91 22.30 -5.47
CA SER A 112 7.18 22.90 -5.14
C SER A 112 7.91 23.32 -6.36
N GLN A 113 8.98 24.06 -6.11
CA GLN A 113 9.92 24.39 -7.18
C GLN A 113 11.31 23.86 -6.95
N SER A 114 11.52 23.16 -5.84
CA SER A 114 12.81 22.53 -5.63
C SER A 114 12.66 21.09 -5.22
N PRO A 115 13.72 20.30 -5.44
CA PRO A 115 14.94 20.98 -5.82
C PRO A 115 15.01 21.26 -7.32
N HIS A 116 13.87 21.43 -7.99
CA HIS A 116 13.88 21.62 -9.45
C HIS A 116 12.86 22.62 -10.04
N ALA A 117 13.39 23.60 -10.76
CA ALA A 117 12.61 24.53 -11.55
C ALA A 117 11.76 23.71 -12.53
N HIS A 118 10.48 23.96 -12.59
CA HIS A 118 9.77 23.18 -13.59
C HIS A 118 8.53 23.91 -13.88
N GLY A 119 8.04 23.80 -15.10
CA GLY A 119 6.73 24.40 -15.41
C GLY A 119 5.49 23.50 -15.25
N TYR A 120 5.57 22.40 -14.53
CA TYR A 120 4.35 21.65 -14.45
C TYR A 120 3.58 22.25 -13.31
N ILE A 121 3.08 23.45 -13.51
CA ILE A 121 2.39 24.03 -12.37
C ILE A 121 0.93 23.74 -12.22
N PRO A 122 0.61 23.13 -11.11
CA PRO A 122 -0.65 22.48 -10.97
C PRO A 122 -1.63 23.57 -11.22
N SER A 123 -1.44 24.73 -10.55
CA SER A 123 -2.24 25.92 -10.86
C SER A 123 -2.63 25.91 -12.35
N LYS A 124 -1.66 26.17 -13.24
CA LYS A 124 -1.64 25.89 -14.73
C LYS A 124 -2.34 24.58 -15.31
N PHE A 125 -2.58 23.53 -14.54
CA PHE A 125 -3.15 22.31 -15.15
C PHE A 125 -3.98 21.61 -14.12
N PRO A 126 -5.10 22.24 -13.83
CA PRO A 126 -5.85 21.97 -12.66
C PRO A 126 -6.41 20.56 -12.76
N ASN A 127 -7.03 20.29 -13.90
CA ASN A 127 -7.67 19.04 -14.18
C ASN A 127 -6.56 18.00 -14.24
N LYS A 128 -5.33 18.44 -14.11
CA LYS A 128 -4.31 17.51 -14.44
C LYS A 128 -3.89 16.72 -13.26
N ASN A 129 -4.48 17.00 -12.09
CA ASN A 129 -4.15 16.37 -10.76
C ASN A 129 -2.69 16.43 -10.39
N LEU A 130 -2.23 17.59 -9.99
CA LEU A 130 -0.89 17.60 -9.39
C LEU A 130 -0.95 17.70 -7.85
N LYS A 131 -1.81 16.86 -7.29
CA LYS A 131 -1.78 16.55 -5.85
C LYS A 131 -0.35 16.49 -5.27
N LYS A 132 -0.17 17.11 -4.10
CA LYS A 132 1.07 16.93 -3.37
C LYS A 132 2.10 16.67 -4.42
N ASN A 133 2.55 15.39 -4.35
CA ASN A 133 3.66 14.85 -5.17
C ASN A 133 3.45 13.40 -5.49
N TYR A 134 2.22 13.08 -5.83
CA TYR A 134 1.97 11.78 -6.41
C TYR A 134 2.45 11.64 -7.87
N CYS A 135 3.19 10.56 -8.16
CA CYS A 135 3.59 10.31 -9.55
C CYS A 135 2.40 10.61 -10.44
N ARG A 136 2.66 11.19 -11.62
CA ARG A 136 1.57 11.49 -12.58
C ARG A 136 1.91 11.36 -14.09
N ASN A 137 0.88 11.40 -14.95
CA ASN A 137 1.10 11.51 -16.41
C ASN A 137 0.24 12.54 -17.08
N PRO A 138 0.66 13.76 -17.01
CA PRO A 138 0.00 14.87 -17.67
C PRO A 138 0.12 14.72 -19.18
N ASP A 139 1.36 14.81 -19.63
CA ASP A 139 1.74 14.92 -21.02
C ASP A 139 1.93 13.60 -21.82
N ARG A 140 0.87 12.82 -22.03
CA ARG A 140 1.02 11.74 -22.99
C ARG A 140 2.45 11.21 -22.91
N GLU A 141 2.97 10.91 -21.72
CA GLU A 141 4.31 10.27 -21.60
C GLU A 141 4.13 8.79 -21.42
N LEU A 142 5.16 8.00 -21.69
CA LEU A 142 5.13 6.53 -21.48
C LEU A 142 4.39 5.95 -20.31
N ARG A 143 4.60 6.57 -19.15
CA ARG A 143 4.10 6.13 -17.84
C ARG A 143 4.40 7.27 -16.87
N PRO A 144 3.60 7.40 -15.80
CA PRO A 144 3.69 8.58 -14.93
C PRO A 144 5.05 8.71 -14.29
N TRP A 145 5.17 9.81 -13.57
CA TRP A 145 6.47 10.13 -13.16
C TRP A 145 6.44 11.34 -12.32
N CYS A 146 7.66 11.75 -11.95
CA CYS A 146 7.90 13.01 -11.27
C CYS A 146 9.31 13.48 -11.41
N PHE A 147 9.42 14.72 -10.96
CA PHE A 147 10.67 15.39 -10.72
C PHE A 147 11.07 14.83 -9.39
N THR A 148 12.28 14.31 -9.31
CA THR A 148 12.74 13.64 -8.07
C THR A 148 13.51 14.58 -7.15
N THR A 149 13.37 14.38 -5.84
CA THR A 149 14.26 15.16 -4.92
C THR A 149 15.77 14.88 -4.87
N ASP A 150 16.25 13.85 -5.54
CA ASP A 150 17.68 13.82 -5.79
C ASP A 150 18.11 14.98 -6.70
N PRO A 151 18.67 16.07 -6.12
CA PRO A 151 19.08 17.18 -6.97
C PRO A 151 19.80 16.79 -8.27
N ASN A 152 20.34 15.59 -8.38
CA ASN A 152 20.97 15.38 -9.68
C ASN A 152 20.02 14.65 -10.63
N LYS A 153 18.84 14.26 -10.15
CA LYS A 153 17.88 13.64 -11.05
C LYS A 153 16.63 14.43 -11.21
N ARG A 154 16.60 15.23 -12.27
CA ARG A 154 15.40 15.93 -12.73
C ARG A 154 14.10 15.11 -12.63
N TRP A 155 13.96 14.14 -13.48
CA TRP A 155 12.79 13.32 -13.26
C TRP A 155 13.02 11.97 -13.80
N GLU A 156 12.09 11.11 -13.52
CA GLU A 156 12.19 9.78 -14.05
C GLU A 156 10.89 9.17 -13.69
N LEU A 157 10.61 8.00 -14.28
CA LEU A 157 9.27 7.38 -14.19
C LEU A 157 9.05 6.57 -12.90
N CYS A 158 7.84 6.11 -12.67
CA CYS A 158 7.73 5.24 -11.51
C CYS A 158 7.25 3.81 -11.96
N ASP A 159 7.14 2.88 -11.00
CA ASP A 159 6.78 1.50 -11.36
C ASP A 159 5.31 1.09 -11.10
N ILE A 160 4.43 1.76 -11.80
CA ILE A 160 3.06 1.64 -11.48
C ILE A 160 2.48 0.33 -12.00
N PRO A 161 1.68 -0.34 -11.16
CA PRO A 161 1.03 -1.60 -11.53
C PRO A 161 0.02 -1.48 -12.67
N ARG A 162 0.19 -2.40 -13.62
CA ARG A 162 -0.80 -2.56 -14.63
C ARG A 162 -1.91 -3.34 -13.95
N CYS A 163 -3.14 -2.94 -14.19
CA CYS A 163 -4.30 -3.65 -13.65
C CYS A 163 -4.45 -4.98 -14.36
N THR A 164 -4.86 -4.96 -15.63
CA THR A 164 -4.76 -6.18 -16.48
C THR A 164 -3.24 -6.43 -16.75
N THR A 165 -2.75 -7.61 -16.37
CA THR A 165 -1.33 -7.87 -16.33
C THR A 165 -0.72 -7.85 -17.72
N PRO A 216 -0.03 1.52 -28.83
CA PRO A 216 0.21 0.40 -27.90
C PRO A 216 -0.72 0.45 -26.65
N CYS A 217 -0.95 -0.71 -25.99
CA CYS A 217 -1.80 -0.78 -24.74
C CYS A 217 -2.56 -2.11 -24.37
N LYS A 218 -3.08 -2.83 -25.36
CA LYS A 218 -3.72 -4.16 -25.17
C LYS A 218 -3.01 -5.15 -26.03
N LYS B 3 1.65 27.89 -30.34
CA LYS B 3 0.75 26.76 -29.96
C LYS B 3 0.23 27.04 -28.54
N LEU B 4 -1.01 27.44 -28.44
CA LEU B 4 -1.65 27.78 -27.14
C LEU B 4 -1.97 26.51 -26.29
N THR B 5 -3.23 26.29 -25.91
CA THR B 5 -3.63 25.21 -24.95
C THR B 5 -2.57 24.61 -24.00
N ALA B 6 -3.06 23.63 -23.24
CA ALA B 6 -2.17 22.68 -22.66
C ALA B 6 -1.36 22.15 -23.81
N ASP B 7 -1.82 21.02 -24.30
CA ASP B 7 -1.02 20.15 -25.12
C ASP B 7 0.16 20.79 -25.79
N ALA B 8 -0.10 21.60 -26.79
CA ALA B 8 0.99 22.42 -27.32
C ALA B 8 2.05 22.62 -26.24
N GLU B 9 1.56 22.94 -25.05
CA GLU B 9 2.36 23.38 -23.93
C GLU B 9 3.03 22.18 -23.32
N LEU B 10 2.21 21.25 -22.85
CA LEU B 10 2.78 20.04 -22.26
C LEU B 10 3.71 19.46 -23.29
N GLN B 11 3.15 19.18 -24.47
CA GLN B 11 3.98 18.67 -25.52
C GLN B 11 5.37 19.24 -25.24
N ARG B 12 5.45 20.57 -25.17
CA ARG B 12 6.72 21.27 -25.14
C ARG B 12 7.60 20.94 -23.93
N LEU B 13 7.07 21.21 -22.74
CA LEU B 13 7.68 20.69 -21.51
C LEU B 13 8.34 19.33 -21.66
N LYS B 14 7.53 18.40 -22.14
CA LYS B 14 7.94 17.02 -22.23
C LYS B 14 9.19 17.04 -23.07
N ASN B 15 8.99 17.38 -24.32
CA ASN B 15 10.12 17.54 -25.19
C ASN B 15 11.26 18.18 -24.40
N GLU B 16 11.02 19.29 -23.74
CA GLU B 16 12.12 19.91 -23.05
C GLU B 16 12.80 18.90 -22.11
N ARG B 17 12.00 18.25 -21.28
CA ARG B 17 12.62 17.22 -20.47
C ARG B 17 13.39 16.28 -21.37
N HIS B 18 12.62 15.49 -22.11
CA HIS B 18 13.22 14.50 -23.00
C HIS B 18 14.52 15.05 -23.55
N GLU B 19 14.41 16.23 -24.13
CA GLU B 19 15.56 16.83 -24.67
C GLU B 19 16.66 16.90 -23.61
N GLU B 20 16.33 17.10 -22.33
CA GLU B 20 17.49 17.28 -21.36
C GLU B 20 18.18 16.02 -20.80
N ALA B 21 17.42 15.02 -20.36
CA ALA B 21 17.99 13.67 -20.22
C ALA B 21 18.83 13.32 -21.44
N GLU B 22 18.23 13.45 -22.61
CA GLU B 22 18.92 13.21 -23.86
C GLU B 22 20.33 13.67 -23.59
N LEU B 23 20.47 14.95 -23.25
CA LEU B 23 21.77 15.60 -23.19
C LEU B 23 22.63 15.29 -21.96
N GLU B 24 22.05 14.74 -20.92
CA GLU B 24 22.96 14.31 -19.87
C GLU B 24 23.54 12.93 -20.24
N ARG B 25 22.70 11.90 -20.47
CA ARG B 25 23.32 10.61 -20.77
C ARG B 25 24.59 10.79 -21.68
N LEU B 26 24.72 11.97 -22.33
CA LEU B 26 25.86 12.33 -23.22
C LEU B 26 26.81 13.21 -22.42
N LEU C 1 5.23 -18.10 10.96
CA LEU C 1 4.34 -17.41 9.95
C LEU C 1 4.57 -15.89 9.82
N SER C 2 5.54 -15.52 8.99
CA SER C 2 6.22 -14.20 9.01
C SER C 2 5.47 -12.91 9.12
N GLU C 3 5.30 -12.46 10.37
CA GLU C 3 4.70 -11.13 10.62
C GLU C 3 5.42 -9.87 9.98
N CYS C 4 6.31 -10.08 8.98
CA CYS C 4 6.95 -8.95 8.26
C CYS C 4 7.11 -9.00 6.74
N LYS C 5 7.27 -7.79 6.21
CA LYS C 5 7.64 -7.59 4.85
C LYS C 5 9.11 -7.76 4.90
N THR C 6 9.65 -8.51 3.95
CA THR C 6 11.02 -8.33 3.48
C THR C 6 10.88 -7.66 2.10
N GLY C 7 11.70 -6.64 1.82
CA GLY C 7 11.62 -5.94 0.52
C GLY C 7 10.30 -5.23 0.39
N ASN C 8 9.51 -5.58 -0.60
CA ASN C 8 8.25 -4.87 -0.79
C ASN C 8 6.97 -5.65 -0.49
N GLY C 9 7.12 -6.88 0.01
CA GLY C 9 5.98 -7.73 0.43
C GLY C 9 5.20 -8.74 -0.44
N LYS C 10 5.52 -8.92 -1.73
CA LYS C 10 4.91 -10.03 -2.50
C LYS C 10 4.48 -11.13 -1.52
N ASN C 11 5.50 -11.88 -1.07
CA ASN C 11 5.46 -12.88 0.01
C ASN C 11 4.81 -12.51 1.36
N TYR C 12 4.73 -11.22 1.70
CA TYR C 12 4.22 -10.90 3.03
C TYR C 12 2.83 -11.39 3.37
N ARG C 13 2.81 -12.28 4.34
CA ARG C 13 1.58 -12.87 4.78
C ARG C 13 1.36 -12.70 6.26
N GLY C 14 1.58 -11.50 6.80
CA GLY C 14 1.31 -11.21 8.22
C GLY C 14 -0.19 -11.02 8.39
N THR C 15 -0.62 -10.17 9.33
CA THR C 15 -2.05 -10.09 9.64
C THR C 15 -2.59 -8.72 9.85
N MET C 16 -1.77 -7.72 9.57
CA MET C 16 -2.29 -6.38 9.53
C MET C 16 -3.59 -6.23 8.69
N SER C 17 -4.52 -5.51 9.28
CA SER C 17 -5.72 -5.21 8.53
C SER C 17 -6.14 -3.80 8.82
N LYS C 18 -5.20 -3.02 9.35
CA LYS C 18 -5.39 -1.58 9.34
C LYS C 18 -4.38 -1.04 8.36
N THR C 19 -4.28 0.28 8.31
CA THR C 19 -3.46 0.97 7.35
C THR C 19 -2.49 1.85 8.16
N LYS C 20 -1.75 2.72 7.49
CA LYS C 20 -0.89 3.73 8.09
C LYS C 20 -1.69 4.66 9.04
N ASN C 21 -2.98 4.82 8.79
CA ASN C 21 -3.86 5.71 9.58
C ASN C 21 -4.81 4.94 10.42
N GLY C 22 -4.64 3.62 10.37
CA GLY C 22 -5.46 2.71 11.13
C GLY C 22 -6.91 2.82 10.74
N ILE C 23 -7.26 2.22 9.62
CA ILE C 23 -8.63 2.10 9.20
C ILE C 23 -8.75 0.67 8.86
N THR C 24 -9.78 0.01 9.35
CA THR C 24 -9.95 -1.39 8.95
C THR C 24 -10.01 -1.39 7.47
N CYS C 25 -9.61 -2.51 6.90
CA CYS C 25 -9.59 -2.66 5.49
C CYS C 25 -10.91 -3.27 5.10
N GLN C 26 -11.18 -3.31 3.80
CA GLN C 26 -12.29 -4.10 3.23
C GLN C 26 -11.86 -5.56 2.99
N LYS C 27 -12.66 -6.56 3.32
CA LYS C 27 -12.30 -7.92 2.86
C LYS C 27 -12.11 -7.92 1.33
N TRP C 28 -10.94 -8.31 0.83
CA TRP C 28 -10.72 -8.36 -0.64
C TRP C 28 -11.74 -9.23 -1.35
N SER C 29 -12.22 -10.22 -0.64
CA SER C 29 -13.25 -11.08 -1.13
C SER C 29 -14.61 -10.39 -1.08
N SER C 30 -14.63 -9.06 -0.99
CA SER C 30 -15.92 -8.33 -0.83
C SER C 30 -15.99 -7.18 -1.79
N THR C 31 -17.14 -6.54 -1.88
CA THR C 31 -17.32 -5.55 -2.95
C THR C 31 -18.13 -4.30 -2.55
N SER C 32 -17.62 -3.64 -1.51
CA SER C 32 -18.25 -2.54 -0.80
C SER C 32 -17.37 -2.51 0.44
N PRO C 33 -17.09 -1.33 0.95
CA PRO C 33 -17.52 -0.12 0.24
C PRO C 33 -16.76 0.17 -1.08
N HIS C 34 -16.10 -0.83 -1.67
CA HIS C 34 -15.35 -0.63 -2.94
C HIS C 34 -15.47 -1.85 -3.84
N ARG C 35 -15.09 -1.70 -5.10
CA ARG C 35 -15.33 -2.74 -6.09
C ARG C 35 -13.98 -3.20 -6.57
N PRO C 36 -13.35 -4.09 -5.81
CA PRO C 36 -11.92 -4.47 -5.79
C PRO C 36 -11.38 -4.82 -7.15
N ARG C 37 -10.22 -4.25 -7.44
CA ARG C 37 -9.57 -4.46 -8.71
C ARG C 37 -8.66 -5.66 -8.50
N PHE C 38 -8.40 -6.03 -7.25
CA PHE C 38 -7.81 -7.36 -7.04
C PHE C 38 -8.68 -8.25 -6.16
N SER C 39 -9.10 -9.40 -6.68
CA SER C 39 -9.76 -10.43 -5.83
C SER C 39 -8.95 -11.73 -5.90
N PRO C 40 -9.35 -12.73 -5.12
CA PRO C 40 -8.69 -14.04 -5.19
C PRO C 40 -8.90 -14.70 -6.57
N ALA C 41 -10.05 -15.34 -6.77
CA ALA C 41 -10.54 -15.60 -8.12
C ALA C 41 -9.51 -15.07 -9.07
N THR C 42 -9.78 -13.83 -9.47
CA THR C 42 -8.91 -13.02 -10.28
C THR C 42 -7.40 -13.23 -9.97
N HIS C 43 -6.96 -12.97 -8.76
CA HIS C 43 -5.53 -13.06 -8.47
C HIS C 43 -5.31 -13.82 -7.19
N PRO C 44 -5.50 -15.14 -7.28
CA PRO C 44 -5.62 -16.15 -6.25
C PRO C 44 -4.29 -16.52 -5.63
N SER C 45 -3.65 -17.48 -6.28
CA SER C 45 -2.21 -17.63 -6.24
C SER C 45 -1.61 -16.63 -5.31
N GLU C 46 -2.21 -15.42 -5.28
CA GLU C 46 -1.61 -14.25 -4.59
C GLU C 46 -2.04 -14.01 -3.17
N GLY C 47 -2.20 -15.05 -2.36
CA GLY C 47 -2.56 -14.90 -0.94
C GLY C 47 -3.40 -13.73 -0.39
N LEU C 48 -4.66 -13.58 -0.87
CA LEU C 48 -5.58 -12.49 -0.40
C LEU C 48 -6.71 -12.95 0.51
N GLU C 49 -6.39 -13.23 1.76
CA GLU C 49 -7.36 -13.85 2.68
C GLU C 49 -8.02 -12.94 3.71
N GLU C 50 -9.35 -12.99 3.75
CA GLU C 50 -10.08 -12.12 4.65
C GLU C 50 -9.66 -10.72 4.24
N ASN C 51 -9.04 -9.95 5.15
CA ASN C 51 -8.68 -8.53 4.89
C ASN C 51 -7.40 -7.98 5.54
N TYR C 52 -6.32 -8.79 5.59
CA TYR C 52 -4.98 -8.37 6.05
C TYR C 52 -4.19 -7.76 4.88
N CYS C 53 -3.43 -6.71 5.15
CA CYS C 53 -2.63 -6.14 4.07
C CYS C 53 -1.77 -7.13 3.24
N ARG C 54 -2.05 -7.20 1.94
CA ARG C 54 -1.31 -8.06 1.01
C ARG C 54 -0.76 -7.28 -0.18
N ASN C 55 0.01 -7.90 -1.07
CA ASN C 55 0.61 -7.10 -2.16
C ASN C 55 0.54 -7.72 -3.55
N PRO C 56 -0.67 -7.73 -4.11
CA PRO C 56 -1.07 -8.22 -5.43
C PRO C 56 -0.45 -7.57 -6.65
N ASP C 57 -0.51 -6.24 -6.76
CA ASP C 57 -0.07 -5.60 -8.01
C ASP C 57 1.42 -5.54 -7.87
N ASN C 58 1.87 -5.82 -6.65
CA ASN C 58 3.27 -5.76 -6.38
C ASN C 58 3.61 -4.30 -6.53
N ASP C 59 3.19 -3.55 -5.54
CA ASP C 59 3.29 -2.11 -5.60
C ASP C 59 4.63 -1.76 -5.01
N PRO C 60 5.22 -0.66 -5.42
CA PRO C 60 6.58 -0.47 -4.93
C PRO C 60 6.67 0.02 -3.50
N GLN C 61 5.61 0.66 -3.02
CA GLN C 61 5.58 1.21 -1.67
C GLN C 61 5.08 0.07 -0.76
N GLY C 62 4.77 -1.08 -1.37
CA GLY C 62 4.52 -2.36 -0.62
C GLY C 62 3.09 -2.83 -0.35
N PRO C 63 2.95 -3.61 0.70
CA PRO C 63 1.67 -4.12 1.17
C PRO C 63 0.61 -3.04 1.50
N TRP C 64 -0.57 -3.22 0.94
CA TRP C 64 -1.64 -2.26 1.10
C TRP C 64 -2.93 -3.03 1.23
N CYS C 65 -4.06 -2.32 1.16
CA CYS C 65 -5.36 -2.96 1.25
C CYS C 65 -6.41 -1.92 0.79
N TYR C 66 -7.60 -2.38 0.40
CA TYR C 66 -8.70 -1.48 0.09
C TYR C 66 -9.20 -1.26 1.47
N THR C 67 -10.03 -0.23 1.70
CA THR C 67 -10.37 0.11 3.08
C THR C 67 -11.85 0.37 3.37
N THR C 68 -12.27 0.05 4.60
CA THR C 68 -13.62 0.42 5.08
C THR C 68 -14.13 1.81 4.70
N ASP C 69 -13.21 2.75 4.47
CA ASP C 69 -13.64 4.12 4.22
C ASP C 69 -14.26 4.27 2.87
N PRO C 70 -15.53 4.62 2.86
CA PRO C 70 -16.18 4.78 1.57
C PRO C 70 -15.38 5.77 0.72
N GLU C 71 -14.82 6.76 1.37
CA GLU C 71 -14.21 7.83 0.61
C GLU C 71 -12.73 7.66 0.16
N LYS C 72 -11.91 6.86 0.86
CA LYS C 72 -10.51 6.58 0.34
C LYS C 72 -10.41 5.16 -0.17
N ARG C 73 -10.08 4.98 -1.43
CA ARG C 73 -10.35 3.66 -1.99
C ARG C 73 -9.51 2.66 -1.26
N TYR C 74 -8.19 2.82 -1.36
CA TYR C 74 -7.33 1.91 -0.67
C TYR C 74 -6.25 2.71 -0.11
N ASP C 75 -5.26 2.00 0.37
CA ASP C 75 -4.12 2.60 1.02
C ASP C 75 -3.16 1.55 1.57
N TYR C 76 -2.02 2.08 2.04
CA TYR C 76 -0.77 1.36 2.34
C TYR C 76 -0.66 1.07 3.84
N CYS C 77 -0.29 -0.14 4.20
CA CYS C 77 -0.10 -0.44 5.61
C CYS C 77 1.33 -0.09 6.03
N ASP C 78 1.51 0.12 7.34
CA ASP C 78 2.83 0.12 8.00
C ASP C 78 3.07 -1.19 8.69
N ILE C 79 3.85 -2.02 8.00
CA ILE C 79 4.11 -3.41 8.29
C ILE C 79 5.67 -3.69 8.46
N LEU C 80 6.12 -3.99 9.68
CA LEU C 80 7.55 -4.04 9.97
C LEU C 80 8.43 -4.88 9.02
N GLU C 81 9.48 -4.25 8.51
CA GLU C 81 10.49 -4.91 7.68
C GLU C 81 11.22 -6.09 8.41
N CYS C 82 11.60 -7.16 7.73
CA CYS C 82 12.42 -8.18 8.42
C CYS C 82 13.86 -7.77 8.46
N GLU C 83 14.55 -8.38 9.44
CA GLU C 83 15.78 -7.87 10.03
C GLU C 83 15.41 -6.65 10.90
N GLU C 84 16.36 -5.72 11.07
CA GLU C 84 16.23 -4.67 12.13
C GLU C 84 17.43 -3.74 12.38
N GLU C 85 17.39 -3.09 13.53
CA GLU C 85 18.51 -2.28 13.94
C GLU C 85 18.49 -2.27 15.44
N CYS C 86 17.28 -2.36 15.99
CA CYS C 86 17.08 -2.17 17.41
C CYS C 86 15.74 -2.72 17.76
N MET C 87 15.44 -2.68 19.04
CA MET C 87 14.17 -3.15 19.54
C MET C 87 13.58 -2.02 20.40
N HIS C 88 12.27 -1.79 20.24
CA HIS C 88 11.50 -1.02 21.21
C HIS C 88 11.24 -2.07 22.27
N CYS C 89 10.69 -1.65 23.40
CA CYS C 89 10.13 -2.61 24.32
C CYS C 89 11.17 -3.55 24.86
N SER C 90 11.15 -4.78 24.37
CA SER C 90 11.97 -5.79 25.00
C SER C 90 12.55 -6.64 23.93
N GLY C 91 12.08 -6.42 22.72
CA GLY C 91 12.55 -7.19 21.60
C GLY C 91 11.71 -8.43 21.53
N GLU C 92 10.60 -8.37 22.25
CA GLU C 92 9.56 -9.37 22.17
C GLU C 92 9.86 -10.26 20.98
N ASN C 93 9.80 -9.71 19.76
CA ASN C 93 10.38 -10.42 18.60
C ASN C 93 11.48 -9.69 17.79
N TYR C 94 12.39 -9.04 18.50
CA TYR C 94 13.64 -8.68 17.88
C TYR C 94 14.11 -9.85 17.02
N ASP C 95 14.51 -9.55 15.78
CA ASP C 95 14.88 -10.61 14.90
C ASP C 95 16.08 -10.12 14.13
N GLY C 96 17.03 -9.60 14.88
CA GLY C 96 18.32 -9.12 14.35
C GLY C 96 19.50 -10.08 14.23
N LYS C 97 20.65 -9.51 13.87
CA LYS C 97 21.70 -10.22 13.13
C LYS C 97 23.03 -10.05 13.93
N ILE C 98 22.88 -10.16 15.25
CA ILE C 98 23.89 -9.81 16.26
C ILE C 98 24.20 -11.01 17.18
N SER C 99 25.37 -11.63 17.07
CA SER C 99 25.54 -12.85 17.85
C SER C 99 26.65 -12.74 18.92
N LYS C 100 26.68 -11.63 19.64
CA LYS C 100 27.77 -11.25 20.51
C LYS C 100 27.10 -10.65 21.76
N THR C 101 27.31 -11.28 22.93
CA THR C 101 26.53 -10.99 24.16
C THR C 101 26.88 -9.64 24.77
N MET C 102 26.15 -9.29 25.83
CA MET C 102 26.56 -8.33 26.90
C MET C 102 28.07 -8.17 26.93
N SER C 103 28.80 -9.26 27.04
CA SER C 103 30.21 -9.19 27.37
C SER C 103 31.07 -9.51 26.19
N GLY C 104 30.49 -9.56 25.00
CA GLY C 104 31.29 -9.76 23.81
C GLY C 104 31.66 -11.21 23.70
N LEU C 105 30.70 -12.07 23.98
CA LEU C 105 30.90 -13.48 23.64
C LEU C 105 29.94 -14.08 22.54
N GLU C 106 30.45 -14.17 21.30
CA GLU C 106 29.70 -14.85 20.28
C GLU C 106 28.83 -15.97 20.85
N CYS C 107 27.54 -15.85 20.59
CA CYS C 107 26.56 -16.88 20.86
C CYS C 107 26.93 -18.30 20.43
N GLN C 108 26.73 -19.21 21.34
CA GLN C 108 26.43 -20.54 20.88
C GLN C 108 25.25 -20.44 19.85
N ALA C 109 25.24 -21.27 18.79
CA ALA C 109 24.18 -21.21 17.73
C ALA C 109 22.99 -22.09 17.99
N TRP C 110 21.80 -21.57 17.68
CA TRP C 110 20.57 -22.15 18.24
C TRP C 110 20.39 -23.58 17.83
N ASP C 111 20.59 -23.95 16.57
CA ASP C 111 20.41 -25.39 16.38
C ASP C 111 21.69 -26.13 16.68
N SER C 112 22.24 -25.80 17.84
CA SER C 112 23.25 -26.65 18.39
C SER C 112 22.90 -27.30 19.71
N GLN C 113 23.98 -27.67 20.39
CA GLN C 113 23.90 -28.47 21.58
C GLN C 113 25.13 -28.36 22.51
N SER C 114 26.14 -27.61 22.08
CA SER C 114 27.38 -27.41 22.80
C SER C 114 28.00 -26.11 22.28
N PRO C 115 28.96 -25.56 23.02
CA PRO C 115 29.42 -26.24 24.18
C PRO C 115 28.28 -26.52 25.22
N HIS C 116 27.05 -26.05 25.01
CA HIS C 116 25.98 -26.27 26.01
C HIS C 116 24.66 -26.92 25.52
N ALA C 117 24.13 -27.87 26.30
CA ALA C 117 22.88 -28.56 26.00
C ALA C 117 21.76 -27.58 26.30
N HIS C 118 20.69 -27.59 25.52
CA HIS C 118 19.58 -26.74 25.93
C HIS C 118 18.44 -27.35 25.24
N GLY C 119 17.24 -26.85 25.53
CA GLY C 119 16.08 -27.20 24.69
C GLY C 119 15.37 -25.99 24.12
N TYR C 120 16.14 -25.04 23.63
CA TYR C 120 15.46 -24.02 22.95
C TYR C 120 15.58 -24.54 21.56
N ILE C 121 14.79 -25.56 21.23
CA ILE C 121 15.02 -26.09 19.91
C ILE C 121 14.22 -25.44 18.82
N PRO C 122 14.95 -24.96 17.82
CA PRO C 122 14.38 -24.17 16.78
C PRO C 122 13.25 -24.95 16.19
N SER C 123 13.52 -26.19 15.78
CA SER C 123 12.47 -27.01 15.22
C SER C 123 11.28 -26.92 16.14
N LYS C 124 11.54 -27.14 17.44
CA LYS C 124 10.52 -27.10 18.52
C LYS C 124 9.67 -25.80 18.73
N PHE C 125 10.11 -24.65 18.21
CA PHE C 125 9.35 -23.38 18.30
C PHE C 125 9.71 -22.64 17.07
N PRO C 126 8.98 -22.95 16.01
CA PRO C 126 9.17 -22.43 14.70
C PRO C 126 9.17 -20.90 14.73
N ASN C 127 8.53 -20.31 15.73
CA ASN C 127 8.24 -18.90 15.63
C ASN C 127 9.01 -18.06 16.59
N LYS C 128 10.08 -18.57 17.16
CA LYS C 128 10.90 -17.69 17.99
C LYS C 128 12.15 -17.40 17.22
N ASN C 129 12.34 -18.17 16.15
CA ASN C 129 13.05 -17.52 15.11
C ASN C 129 14.50 -17.54 15.58
N LEU C 130 15.04 -18.74 15.50
CA LEU C 130 16.31 -19.05 16.08
C LEU C 130 17.30 -19.41 14.97
N LYS C 131 17.38 -18.48 14.03
CA LYS C 131 18.27 -18.54 12.88
C LYS C 131 19.72 -18.62 13.35
N LYS C 132 20.61 -19.12 12.51
CA LYS C 132 22.00 -19.13 12.91
C LYS C 132 22.08 -19.15 14.43
N ASN C 133 22.78 -18.10 14.92
CA ASN C 133 22.93 -17.79 16.35
C ASN C 133 22.77 -16.30 16.69
N TYR C 134 21.57 -15.80 16.42
CA TYR C 134 21.25 -14.45 16.81
C TYR C 134 20.49 -14.38 18.13
N CYS C 135 20.83 -13.39 18.95
CA CYS C 135 20.11 -13.19 20.19
C CYS C 135 18.64 -13.21 19.83
N ARG C 136 17.80 -13.73 20.73
CA ARG C 136 16.37 -13.64 20.58
C ARG C 136 15.68 -13.44 21.95
N ASN C 137 14.36 -13.14 21.95
CA ASN C 137 13.60 -13.05 23.21
C ASN C 137 12.38 -13.86 23.16
N PRO C 138 12.61 -15.14 22.98
CA PRO C 138 11.59 -16.15 22.82
C PRO C 138 10.89 -16.37 24.14
N ASP C 139 11.56 -16.11 25.25
CA ASP C 139 11.01 -16.54 26.53
C ASP C 139 10.51 -15.43 27.48
N ARG C 140 10.03 -14.32 26.93
CA ARG C 140 9.66 -13.17 27.76
C ARG C 140 10.72 -12.90 28.84
N GLU C 141 12.00 -13.12 28.48
CA GLU C 141 13.18 -12.61 29.20
C GLU C 141 13.32 -11.08 29.09
N LEU C 142 14.21 -10.50 29.86
CA LEU C 142 14.31 -9.05 29.93
C LEU C 142 14.82 -8.36 28.66
N ARG C 143 15.90 -8.91 28.06
CA ARG C 143 16.44 -8.42 26.77
C ARG C 143 17.05 -9.55 25.89
N PRO C 144 16.89 -9.52 24.56
CA PRO C 144 17.25 -10.77 23.90
C PRO C 144 18.66 -11.30 24.22
N TRP C 145 18.96 -12.49 23.74
CA TRP C 145 20.16 -13.10 24.22
C TRP C 145 20.38 -14.41 23.57
N CYS C 146 21.45 -15.10 24.00
CA CYS C 146 21.72 -16.49 23.65
C CYS C 146 22.46 -17.18 24.74
N PHE C 147 22.83 -18.44 24.47
CA PHE C 147 23.86 -19.17 25.24
C PHE C 147 25.20 -18.90 24.58
N THR C 148 26.30 -19.29 25.20
CA THR C 148 27.56 -18.68 24.76
C THR C 148 28.65 -19.69 24.48
N THR C 149 29.36 -19.47 23.37
CA THR C 149 30.43 -20.38 22.99
C THR C 149 31.48 -20.59 24.09
N ASP C 150 31.41 -19.68 25.08
CA ASP C 150 32.16 -19.90 26.27
C ASP C 150 31.63 -21.10 27.06
N PRO C 151 32.39 -22.23 27.06
CA PRO C 151 31.88 -23.35 27.85
C PRO C 151 31.49 -22.90 29.21
N ASN C 152 32.37 -22.18 29.91
CA ASN C 152 32.01 -21.71 31.25
C ASN C 152 30.68 -20.90 31.34
N LYS C 153 30.36 -19.96 30.43
CA LYS C 153 29.15 -19.16 30.66
C LYS C 153 27.93 -19.74 29.94
N ARG C 154 26.97 -20.19 30.72
CA ARG C 154 25.86 -20.85 30.06
C ARG C 154 25.13 -19.88 29.16
N TRP C 155 24.98 -18.65 29.62
CA TRP C 155 24.27 -17.69 28.84
C TRP C 155 24.24 -16.33 29.50
N GLU C 156 24.06 -15.31 28.68
CA GLU C 156 23.67 -13.99 29.17
C GLU C 156 22.94 -13.30 28.05
N LEU C 157 22.48 -12.06 28.28
CA LEU C 157 21.65 -11.28 27.31
C LEU C 157 22.56 -10.48 26.45
N CYS C 158 22.04 -9.81 25.43
CA CYS C 158 22.99 -9.03 24.67
C CYS C 158 22.61 -7.55 24.81
N ASP C 159 23.23 -6.68 24.04
CA ASP C 159 22.88 -5.28 24.18
C ASP C 159 22.22 -4.70 22.94
N ILE C 160 21.33 -5.52 22.39
CA ILE C 160 20.58 -5.05 21.27
C ILE C 160 19.78 -3.78 21.55
N PRO C 161 20.34 -2.65 21.12
CA PRO C 161 19.95 -1.26 21.39
C PRO C 161 18.47 -0.99 21.05
N ARG C 162 17.86 -0.04 21.78
CA ARG C 162 16.47 0.33 21.58
C ARG C 162 16.40 1.38 20.49
N CYS C 163 15.24 1.55 19.89
CA CYS C 163 15.09 2.57 18.88
C CYS C 163 14.59 3.86 19.50
N THR C 164 13.79 3.76 20.57
CA THR C 164 13.21 4.92 21.27
C THR C 164 11.92 5.51 20.61
N LEU D 4 -0.23 -29.17 27.25
CA LEU D 4 0.93 -28.27 27.59
C LEU D 4 1.38 -27.38 26.42
N THR D 5 1.17 -26.06 26.53
CA THR D 5 1.62 -25.06 25.52
C THR D 5 3.14 -25.12 25.27
N ALA D 6 3.56 -24.75 24.06
CA ALA D 6 4.96 -24.49 23.91
C ALA D 6 5.20 -23.24 24.76
N ASP D 7 4.29 -22.26 24.64
CA ASP D 7 4.28 -21.09 25.50
C ASP D 7 4.84 -21.43 26.89
N ALA D 8 4.10 -22.25 27.62
CA ALA D 8 4.55 -22.73 28.91
C ALA D 8 5.98 -23.22 28.87
N GLU D 9 6.35 -23.91 27.77
CA GLU D 9 7.56 -24.75 27.81
C GLU D 9 8.70 -23.78 27.90
N LEU D 10 8.52 -22.72 27.13
CA LEU D 10 9.47 -21.67 27.05
C LEU D 10 9.69 -21.08 28.43
N GLN D 11 8.55 -20.77 29.07
CA GLN D 11 8.59 -20.23 30.38
C GLN D 11 9.41 -21.10 31.35
N ARG D 12 9.43 -22.41 31.11
CA ARG D 12 10.25 -23.27 31.97
C ARG D 12 11.70 -23.10 31.68
N LEU D 13 12.00 -22.91 30.42
CA LEU D 13 13.35 -22.73 30.04
C LEU D 13 13.99 -21.58 30.79
N LYS D 14 13.25 -20.49 30.89
CA LYS D 14 13.69 -19.25 31.52
C LYS D 14 13.98 -19.51 32.97
N ASN D 15 12.94 -19.98 33.61
CA ASN D 15 13.03 -20.37 34.98
C ASN D 15 14.26 -21.24 35.25
N GLU D 16 14.65 -22.04 34.28
CA GLU D 16 15.80 -22.93 34.45
C GLU D 16 17.03 -22.07 34.41
N ARG D 17 17.30 -21.52 33.24
CA ARG D 17 18.38 -20.55 33.10
C ARG D 17 18.51 -19.62 34.34
N HIS D 18 17.41 -18.95 34.66
CA HIS D 18 17.43 -18.06 35.82
C HIS D 18 17.93 -18.82 37.04
N GLU D 19 17.37 -19.98 37.28
CA GLU D 19 17.66 -20.68 38.47
C GLU D 19 19.12 -21.17 38.43
N GLU D 20 19.60 -21.40 37.23
CA GLU D 20 20.95 -21.95 37.15
C GLU D 20 21.88 -20.82 37.50
N ALA D 21 21.97 -19.84 36.62
CA ALA D 21 22.78 -18.65 36.90
C ALA D 21 22.81 -18.10 38.36
N GLU D 22 21.72 -18.20 39.13
CA GLU D 22 21.72 -17.70 40.52
C GLU D 22 22.52 -18.57 41.49
N LEU D 23 22.62 -19.88 41.20
CA LEU D 23 23.26 -20.85 42.10
C LEU D 23 24.68 -21.02 41.67
N GLU D 24 24.92 -20.81 40.38
CA GLU D 24 26.26 -20.57 39.94
C GLU D 24 26.68 -19.35 40.74
N ARG D 25 26.08 -18.19 40.46
CA ARG D 25 26.48 -16.96 41.14
C ARG D 25 26.95 -17.26 42.62
N LEU D 26 26.08 -17.79 43.48
CA LEU D 26 26.40 -18.12 44.90
C LEU D 26 27.85 -18.65 45.09
N LYS D 27 28.86 -17.75 45.11
CA LYS D 27 30.30 -18.13 45.22
C LYS D 27 31.03 -17.33 46.31
#